data_1N0C
#
_entry.id   1N0C
#
_entity_poly.entity_id   1
_entity_poly.type   'polypeptide(L)'
_entity_poly.pdbx_seq_one_letter_code
;(ACE)CHWEGNKLVC(NH2)
;
_entity_poly.pdbx_strand_id   A
#
# COMPACT_ATOMS: atom_id res chain seq x y z
N CYS A 2 -3.67 -6.99 -1.63
CA CYS A 2 -3.20 -5.60 -1.62
C CYS A 2 -3.10 -5.10 -0.18
N HIS A 3 -2.07 -4.31 0.10
CA HIS A 3 -1.74 -3.72 1.39
C HIS A 3 -1.34 -2.25 1.21
N TRP A 4 -1.46 -1.50 2.29
CA TRP A 4 -1.29 -0.05 2.33
C TRP A 4 0.02 0.27 3.07
N GLU A 5 1.01 0.81 2.35
CA GLU A 5 2.38 0.98 2.81
C GLU A 5 2.74 2.47 2.85
N GLY A 6 2.76 3.04 4.06
CA GLY A 6 3.11 4.43 4.36
C GLY A 6 2.10 5.43 3.80
N ASN A 7 2.09 5.58 2.48
CA ASN A 7 1.28 6.54 1.74
C ASN A 7 0.65 5.97 0.44
N LYS A 8 0.86 4.68 0.10
CA LYS A 8 0.38 4.08 -1.16
C LYS A 8 -0.13 2.63 -1.04
N LEU A 9 -0.81 2.18 -2.09
CA LEU A 9 -1.34 0.82 -2.28
C LEU A 9 -0.32 -0.06 -3.02
N VAL A 10 0.14 -1.14 -2.38
CA VAL A 10 0.96 -2.20 -2.98
C VAL A 10 0.08 -3.45 -3.15
N CYS A 11 0.17 -4.11 -4.31
CA CYS A 11 -0.52 -5.36 -4.63
C CYS A 11 0.47 -6.44 -5.08
N CYS A 2 -3.92 -6.98 -1.82
CA CYS A 2 -3.34 -5.65 -1.77
C CYS A 2 -3.40 -5.06 -0.35
N HIS A 3 -2.32 -4.37 0.02
CA HIS A 3 -2.12 -3.69 1.30
C HIS A 3 -1.59 -2.26 1.07
N TRP A 4 -1.20 -1.56 2.15
CA TRP A 4 -0.74 -0.17 2.17
C TRP A 4 0.67 -0.05 2.75
N GLU A 5 1.43 0.92 2.22
CA GLU A 5 2.80 1.23 2.60
C GLU A 5 2.94 2.74 2.81
N GLY A 6 2.89 3.18 4.07
CA GLY A 6 2.97 4.59 4.47
C GLY A 6 1.77 5.41 4.00
N ASN A 7 1.75 5.72 2.70
CA ASN A 7 0.72 6.51 2.02
C ASN A 7 0.45 6.07 0.57
N LYS A 8 0.87 4.85 0.16
CA LYS A 8 0.55 4.24 -1.15
C LYS A 8 0.07 2.79 -1.00
N LEU A 9 -0.51 2.24 -2.09
CA LEU A 9 -1.13 0.91 -2.18
C LEU A 9 -0.17 -0.05 -2.92
N VAL A 10 -0.04 -1.29 -2.44
CA VAL A 10 0.81 -2.35 -3.02
C VAL A 10 0.01 -3.66 -3.10
N CYS A 11 -0.04 -4.29 -4.29
CA CYS A 11 -0.58 -5.65 -4.46
C CYS A 11 0.56 -6.66 -4.65
N CYS A 2 -3.59 -7.15 -1.82
CA CYS A 2 -3.24 -5.72 -1.79
C CYS A 2 -3.23 -5.22 -0.35
N HIS A 3 -2.24 -4.38 -0.01
CA HIS A 3 -2.05 -3.75 1.31
C HIS A 3 -1.55 -2.29 1.17
N TRP A 4 -1.47 -1.57 2.29
CA TRP A 4 -1.04 -0.16 2.36
C TRP A 4 0.33 -0.06 3.04
N GLU A 5 1.25 0.73 2.47
CA GLU A 5 2.55 1.04 3.07
C GLU A 5 2.80 2.56 2.99
N GLY A 6 2.92 3.22 4.15
CA GLY A 6 3.04 4.67 4.26
C GLY A 6 1.87 5.39 3.60
N ASN A 7 2.09 5.89 2.38
CA ASN A 7 1.09 6.65 1.60
C ASN A 7 0.64 5.94 0.31
N LYS A 8 1.06 4.68 0.04
CA LYS A 8 0.73 3.96 -1.20
C LYS A 8 0.10 2.59 -0.94
N LEU A 9 -0.80 2.21 -1.85
CA LEU A 9 -1.45 0.92 -2.00
C LEU A 9 -0.59 0.00 -2.88
N VAL A 10 -0.12 -1.13 -2.34
CA VAL A 10 0.76 -2.09 -2.99
C VAL A 10 0.06 -3.45 -3.12
N CYS A 11 0.11 -4.05 -4.31
CA CYS A 11 -0.45 -5.38 -4.58
C CYS A 11 0.62 -6.40 -4.99
N CYS A 2 -3.82 -6.74 -1.94
CA CYS A 2 -3.06 -5.50 -1.75
C CYS A 2 -3.01 -5.09 -0.28
N HIS A 3 -1.95 -4.37 0.11
CA HIS A 3 -1.75 -3.79 1.44
C HIS A 3 -1.41 -2.29 1.34
N TRP A 4 -1.66 -1.53 2.42
CA TRP A 4 -1.24 -0.13 2.53
C TRP A 4 0.18 -0.05 3.10
N GLU A 5 1.01 0.77 2.46
CA GLU A 5 2.43 0.92 2.71
C GLU A 5 2.76 2.43 2.79
N GLY A 6 2.62 3.02 3.99
CA GLY A 6 2.82 4.44 4.24
C GLY A 6 1.83 5.33 3.46
N ASN A 7 2.25 5.81 2.27
CA ASN A 7 1.44 6.68 1.42
C ASN A 7 0.72 5.98 0.25
N LYS A 8 0.96 4.67 0.04
CA LYS A 8 0.52 3.94 -1.16
C LYS A 8 -0.08 2.56 -0.89
N LEU A 9 -0.86 2.06 -1.86
CA LEU A 9 -1.44 0.72 -1.94
C LEU A 9 -0.51 -0.19 -2.78
N VAL A 10 0.12 -1.19 -2.16
CA VAL A 10 0.99 -2.19 -2.81
C VAL A 10 0.23 -3.49 -3.02
N CYS A 11 0.00 -3.87 -4.28
CA CYS A 11 -0.52 -5.17 -4.68
C CYS A 11 0.62 -6.10 -5.14
N CYS A 2 -2.89 -7.24 -1.80
CA CYS A 2 -2.77 -5.78 -1.71
C CYS A 2 -2.99 -5.29 -0.27
N HIS A 3 -2.19 -4.31 0.14
CA HIS A 3 -2.26 -3.67 1.46
C HIS A 3 -1.91 -2.17 1.37
N TRP A 4 -2.12 -1.39 2.43
CA TRP A 4 -1.64 0.00 2.49
C TRP A 4 -0.24 0.05 3.12
N GLU A 5 0.71 0.62 2.39
CA GLU A 5 2.12 0.69 2.74
C GLU A 5 2.62 2.14 2.57
N GLY A 6 2.96 2.76 3.71
CA GLY A 6 3.50 4.12 3.75
C GLY A 6 2.43 5.15 3.37
N ASN A 7 2.41 5.49 2.08
CA ASN A 7 1.54 6.49 1.48
C ASN A 7 0.87 5.96 0.20
N LYS A 8 0.96 4.65 -0.08
CA LYS A 8 0.39 4.02 -1.27
C LYS A 8 -0.21 2.63 -1.00
N LEU A 9 -1.11 2.20 -1.89
CA LEU A 9 -1.64 0.86 -1.96
C LEU A 9 -0.61 -0.03 -2.66
N VAL A 10 -0.07 -1.02 -1.94
CA VAL A 10 0.98 -1.94 -2.40
C VAL A 10 0.37 -3.31 -2.73
N CYS A 11 0.19 -3.56 -4.02
CA CYS A 11 -0.20 -4.84 -4.57
C CYS A 11 1.02 -5.59 -5.13
N CYS A 2 -3.73 -7.29 -1.86
CA CYS A 2 -3.16 -5.95 -1.72
C CYS A 2 -3.13 -5.45 -0.27
N HIS A 3 -2.24 -4.49 -0.02
CA HIS A 3 -2.04 -3.83 1.27
C HIS A 3 -1.60 -2.38 1.07
N TRP A 4 -1.45 -1.65 2.18
CA TRP A 4 -1.24 -0.20 2.27
C TRP A 4 0.03 0.07 3.08
N GLU A 5 0.98 0.82 2.51
CA GLU A 5 2.27 1.13 3.14
C GLU A 5 2.66 2.59 2.93
N GLY A 6 3.25 3.24 3.96
CA GLY A 6 3.47 4.68 3.99
C GLY A 6 2.19 5.46 3.68
N ASN A 7 2.08 5.96 2.45
CA ASN A 7 0.89 6.60 1.87
C ASN A 7 0.55 6.02 0.47
N LYS A 8 0.88 4.74 0.22
CA LYS A 8 0.80 4.06 -1.09
C LYS A 8 0.09 2.70 -0.97
N LEU A 9 -0.64 2.33 -2.04
CA LEU A 9 -1.27 1.02 -2.23
C LEU A 9 -0.28 0.07 -2.93
N VAL A 10 -0.05 -1.12 -2.38
CA VAL A 10 0.81 -2.16 -2.96
C VAL A 10 0.07 -3.50 -3.06
N CYS A 11 -0.05 -4.03 -4.29
CA CYS A 11 -0.56 -5.38 -4.55
C CYS A 11 0.57 -6.38 -4.85
N CYS A 2 -3.94 -6.80 -1.69
CA CYS A 2 -3.26 -5.52 -1.69
C CYS A 2 -3.24 -4.96 -0.25
N HIS A 3 -2.17 -4.25 0.08
CA HIS A 3 -1.92 -3.63 1.39
C HIS A 3 -1.41 -2.20 1.20
N TRP A 4 -1.13 -1.50 2.30
CA TRP A 4 -0.70 -0.11 2.30
C TRP A 4 0.67 -0.01 2.98
N GLU A 5 1.63 0.59 2.28
CA GLU A 5 2.93 0.95 2.84
C GLU A 5 2.97 2.48 2.90
N GLY A 6 2.64 3.01 4.07
CA GLY A 6 2.38 4.43 4.30
C GLY A 6 1.27 4.95 3.38
N ASN A 7 1.60 5.92 2.53
CA ASN A 7 0.66 6.60 1.64
C ASN A 7 0.52 5.91 0.26
N LYS A 8 0.94 4.64 0.12
CA LYS A 8 0.99 3.92 -1.15
C LYS A 8 0.35 2.53 -1.06
N LEU A 9 -0.62 2.26 -1.93
CA LEU A 9 -1.24 0.95 -2.13
C LEU A 9 -0.30 0.01 -2.89
N VAL A 10 -0.05 -1.17 -2.34
CA VAL A 10 0.86 -2.21 -2.85
C VAL A 10 0.11 -3.54 -2.99
N CYS A 11 -0.09 -3.98 -4.23
CA CYS A 11 -0.67 -5.27 -4.59
C CYS A 11 0.40 -6.31 -4.93
N CYS A 2 -3.95 -6.93 -1.47
CA CYS A 2 -3.26 -5.64 -1.43
C CYS A 2 -2.91 -5.24 0.02
N HIS A 3 -1.89 -4.38 0.17
CA HIS A 3 -1.56 -3.72 1.42
C HIS A 3 -1.16 -2.25 1.18
N TRP A 4 -1.08 -1.48 2.28
CA TRP A 4 -0.70 -0.06 2.31
C TRP A 4 0.70 0.12 2.91
N GLU A 5 1.51 0.96 2.27
CA GLU A 5 2.87 1.31 2.69
C GLU A 5 2.88 2.76 3.21
N GLY A 6 2.08 3.03 4.26
CA GLY A 6 1.82 4.39 4.72
C GLY A 6 0.98 5.14 3.68
N ASN A 7 1.65 5.78 2.72
CA ASN A 7 1.06 6.64 1.70
C ASN A 7 0.82 5.96 0.33
N LYS A 8 1.32 4.73 0.09
CA LYS A 8 1.15 3.99 -1.17
C LYS A 8 0.31 2.72 -1.00
N LEU A 9 -0.30 2.26 -2.09
CA LEU A 9 -1.01 0.99 -2.21
C LEU A 9 -0.19 0.01 -3.05
N VAL A 10 0.00 -1.23 -2.59
CA VAL A 10 0.68 -2.30 -3.34
C VAL A 10 -0.14 -3.60 -3.32
N CYS A 11 -0.29 -4.23 -4.48
CA CYS A 11 -1.04 -5.48 -4.68
C CYS A 11 -0.15 -6.57 -5.29
N CYS A 2 -3.38 -7.22 -1.59
CA CYS A 2 -3.08 -5.79 -1.52
C CYS A 2 -2.94 -5.29 -0.07
N HIS A 3 -2.10 -4.27 0.12
CA HIS A 3 -1.77 -3.62 1.38
C HIS A 3 -1.50 -2.12 1.18
N TRP A 4 -1.56 -1.35 2.27
CA TRP A 4 -1.18 0.05 2.33
C TRP A 4 0.24 0.15 2.88
N GLU A 5 1.16 0.77 2.14
CA GLU A 5 2.60 0.76 2.45
C GLU A 5 3.03 2.03 3.22
N GLY A 6 2.07 2.72 3.83
CA GLY A 6 2.26 3.95 4.61
C GLY A 6 2.25 5.23 3.77
N ASN A 7 1.99 5.11 2.46
CA ASN A 7 2.08 6.19 1.48
C ASN A 7 1.09 5.99 0.32
N LYS A 8 1.08 4.81 -0.29
CA LYS A 8 0.17 4.39 -1.36
C LYS A 8 -0.24 2.92 -1.17
N LEU A 9 -1.15 2.46 -2.04
CA LEU A 9 -1.65 1.10 -2.13
C LEU A 9 -0.69 0.24 -2.97
N VAL A 10 -0.23 -0.87 -2.43
CA VAL A 10 0.64 -1.84 -3.10
C VAL A 10 -0.04 -3.21 -3.09
N CYS A 11 0.19 -4.00 -4.13
CA CYS A 11 -0.20 -5.40 -4.18
C CYS A 11 1.01 -6.27 -4.51
N CYS A 2 -3.28 -7.26 -1.44
CA CYS A 2 -2.96 -5.83 -1.48
C CYS A 2 -2.90 -5.27 -0.05
N HIS A 3 -2.05 -4.27 0.15
CA HIS A 3 -1.87 -3.57 1.42
C HIS A 3 -1.58 -2.10 1.19
N TRP A 4 -1.85 -1.30 2.23
CA TRP A 4 -1.46 0.10 2.33
C TRP A 4 -0.07 0.18 2.96
N GLU A 5 0.86 0.82 2.25
CA GLU A 5 2.29 0.83 2.53
C GLU A 5 2.77 2.27 2.66
N GLY A 6 2.85 2.75 3.92
CA GLY A 6 3.15 4.13 4.28
C GLY A 6 2.07 5.10 3.81
N ASN A 7 2.12 5.46 2.52
CA ASN A 7 1.20 6.37 1.84
C ASN A 7 0.91 5.93 0.39
N LYS A 8 1.00 4.63 0.09
CA LYS A 8 0.77 4.03 -1.23
C LYS A 8 -0.05 2.73 -1.13
N LEU A 9 -0.88 2.42 -2.11
CA LEU A 9 -1.54 1.13 -2.25
C LEU A 9 -0.60 0.20 -3.03
N VAL A 10 -0.21 -0.94 -2.45
CA VAL A 10 0.70 -1.91 -3.07
C VAL A 10 0.04 -3.29 -3.10
N CYS A 11 0.18 -4.01 -4.22
CA CYS A 11 -0.29 -5.38 -4.38
C CYS A 11 0.87 -6.32 -4.74
N CYS A 2 -3.72 -6.99 -1.59
CA CYS A 2 -3.32 -5.58 -1.59
C CYS A 2 -3.24 -5.02 -0.16
N HIS A 3 -2.27 -4.13 0.07
CA HIS A 3 -2.06 -3.45 1.36
C HIS A 3 -1.43 -2.04 1.15
N TRP A 4 -1.27 -1.30 2.25
CA TRP A 4 -0.83 0.10 2.28
C TRP A 4 0.54 0.24 2.96
N GLU A 5 1.50 0.83 2.24
CA GLU A 5 2.84 1.21 2.73
C GLU A 5 2.90 2.73 2.89
N GLY A 6 2.92 3.22 4.13
CA GLY A 6 2.92 4.66 4.46
C GLY A 6 1.63 5.36 4.01
N ASN A 7 1.54 5.65 2.72
CA ASN A 7 0.39 6.25 2.03
C ASN A 7 0.32 5.77 0.54
N LYS A 8 0.77 4.53 0.25
CA LYS A 8 0.87 3.94 -1.10
C LYS A 8 0.30 2.49 -1.14
N LEU A 9 -0.50 2.14 -2.16
CA LEU A 9 -1.05 0.80 -2.35
C LEU A 9 -0.05 -0.14 -3.05
N VAL A 10 0.17 -1.33 -2.49
CA VAL A 10 0.97 -2.42 -3.08
C VAL A 10 0.07 -3.67 -3.20
N CYS A 11 -0.10 -4.20 -4.41
CA CYS A 11 -0.82 -5.45 -4.69
C CYS A 11 0.16 -6.53 -5.18
N CYS A 2 -4.27 -6.83 -1.82
CA CYS A 2 -3.50 -5.60 -1.77
C CYS A 2 -3.33 -5.12 -0.33
N HIS A 3 -2.19 -4.50 -0.03
CA HIS A 3 -1.81 -3.87 1.24
C HIS A 3 -1.38 -2.41 1.01
N TRP A 4 -1.12 -1.69 2.11
CA TRP A 4 -0.81 -0.25 2.15
C TRP A 4 0.52 -0.02 2.87
N GLU A 5 1.33 0.87 2.30
CA GLU A 5 2.68 1.21 2.77
C GLU A 5 2.84 2.74 2.81
N GLY A 6 2.89 3.26 4.05
CA GLY A 6 3.03 4.66 4.43
C GLY A 6 1.88 5.56 3.97
N ASN A 7 1.81 5.83 2.67
CA ASN A 7 0.72 6.59 2.03
C ASN A 7 0.41 6.06 0.61
N LYS A 8 0.83 4.83 0.25
CA LYS A 8 0.58 4.24 -1.06
C LYS A 8 0.07 2.79 -0.96
N LEU A 9 -0.46 2.28 -2.08
CA LEU A 9 -1.12 0.98 -2.25
C LEU A 9 -0.20 0.02 -3.03
N VAL A 10 -0.08 -1.23 -2.58
CA VAL A 10 0.80 -2.26 -3.15
C VAL A 10 0.10 -3.63 -3.14
N CYS A 11 0.05 -4.35 -4.28
CA CYS A 11 -0.57 -5.70 -4.34
C CYS A 11 0.46 -6.81 -4.55
N CYS A 2 -3.88 -6.86 -1.65
CA CYS A 2 -3.26 -5.55 -1.54
C CYS A 2 -3.16 -5.11 -0.07
N HIS A 3 -2.09 -4.38 0.22
CA HIS A 3 -1.86 -3.69 1.49
C HIS A 3 -1.33 -2.28 1.24
N TRP A 4 -1.12 -1.55 2.32
CA TRP A 4 -0.80 -0.12 2.33
C TRP A 4 0.59 0.10 2.94
N GLU A 5 1.53 0.68 2.18
CA GLU A 5 2.84 1.11 2.69
C GLU A 5 2.82 2.62 2.98
N GLY A 6 2.19 3.02 4.09
CA GLY A 6 2.21 4.38 4.61
C GLY A 6 1.40 5.38 3.79
N ASN A 7 1.80 5.60 2.53
CA ASN A 7 1.17 6.52 1.58
C ASN A 7 0.63 5.85 0.31
N LYS A 8 1.16 4.68 -0.11
CA LYS A 8 0.74 4.02 -1.36
C LYS A 8 0.18 2.61 -1.13
N LEU A 9 -0.64 2.16 -2.07
CA LEU A 9 -1.23 0.84 -2.18
C LEU A 9 -0.28 -0.11 -2.94
N VAL A 10 0.10 -1.22 -2.31
CA VAL A 10 0.98 -2.27 -2.83
C VAL A 10 0.16 -3.56 -3.01
N CYS A 11 -0.01 -3.94 -4.27
CA CYS A 11 -0.80 -5.08 -4.72
C CYS A 11 0.13 -6.16 -5.27
N CYS A 2 -3.53 -7.10 -1.34
CA CYS A 2 -3.30 -5.67 -1.49
C CYS A 2 -3.19 -5.00 -0.12
N HIS A 3 -2.07 -4.31 0.09
CA HIS A 3 -1.66 -3.70 1.35
C HIS A 3 -1.19 -2.26 1.16
N TRP A 4 -1.25 -1.48 2.25
CA TRP A 4 -0.94 -0.04 2.29
C TRP A 4 0.43 0.16 2.95
N GLU A 5 1.35 0.85 2.27
CA GLU A 5 2.70 1.16 2.74
C GLU A 5 2.84 2.66 2.99
N GLY A 6 2.42 3.07 4.19
CA GLY A 6 2.36 4.46 4.68
C GLY A 6 1.40 5.34 3.89
N ASN A 7 1.77 5.65 2.64
CA ASN A 7 1.04 6.51 1.71
C ASN A 7 0.87 5.91 0.30
N LYS A 8 1.18 4.62 0.08
CA LYS A 8 0.99 3.92 -1.21
C LYS A 8 0.18 2.62 -1.06
N LEU A 9 -0.57 2.24 -2.10
CA LEU A 9 -1.25 0.95 -2.25
C LEU A 9 -0.35 -0.01 -3.05
N VAL A 10 -0.09 -1.20 -2.51
CA VAL A 10 0.79 -2.23 -3.09
C VAL A 10 0.01 -3.55 -3.21
N CYS A 11 -0.12 -4.11 -4.42
CA CYS A 11 -0.81 -5.36 -4.69
C CYS A 11 0.16 -6.44 -5.20
N CYS A 2 -3.41 -7.04 -1.63
CA CYS A 2 -2.95 -5.67 -1.63
C CYS A 2 -2.99 -5.09 -0.21
N HIS A 3 -2.05 -4.19 0.10
CA HIS A 3 -1.94 -3.49 1.38
C HIS A 3 -1.67 -1.99 1.18
N TRP A 4 -1.59 -1.26 2.30
CA TRP A 4 -1.32 0.16 2.39
C TRP A 4 0.06 0.38 3.02
N GLU A 5 1.04 0.71 2.17
CA GLU A 5 2.45 0.78 2.51
C GLU A 5 2.87 2.25 2.70
N GLY A 6 2.84 2.73 3.94
CA GLY A 6 3.09 4.13 4.33
C GLY A 6 2.05 5.12 3.80
N ASN A 7 2.06 5.32 2.48
CA ASN A 7 1.30 6.34 1.74
C ASN A 7 0.79 5.82 0.37
N LYS A 8 0.93 4.52 0.06
CA LYS A 8 0.63 3.93 -1.26
C LYS A 8 -0.13 2.60 -1.13
N LEU A 9 -1.05 2.32 -2.06
CA LEU A 9 -1.72 1.02 -2.21
C LEU A 9 -0.81 0.08 -3.03
N VAL A 10 -0.32 -0.99 -2.41
CA VAL A 10 0.71 -1.90 -2.94
C VAL A 10 0.21 -3.34 -2.97
N CYS A 11 0.25 -3.96 -4.15
CA CYS A 11 -0.16 -5.34 -4.39
C CYS A 11 1.04 -6.29 -4.59
N CYS A 2 -3.75 -7.08 -1.55
CA CYS A 2 -3.24 -5.72 -1.58
C CYS A 2 -3.11 -5.14 -0.16
N HIS A 3 -2.21 -4.18 0.04
CA HIS A 3 -1.94 -3.50 1.30
C HIS A 3 -1.37 -2.09 1.10
N TRP A 4 -1.46 -1.26 2.13
CA TRP A 4 -0.88 0.09 2.15
C TRP A 4 0.50 0.09 2.81
N GLU A 5 1.43 0.85 2.24
CA GLU A 5 2.78 1.10 2.75
C GLU A 5 2.95 2.62 2.96
N GLY A 6 2.75 3.09 4.19
CA GLY A 6 2.82 4.50 4.59
C GLY A 6 1.71 5.37 4.00
N ASN A 7 1.74 5.56 2.68
CA ASN A 7 0.92 6.48 1.90
C ASN A 7 0.54 5.94 0.51
N LYS A 8 0.86 4.69 0.17
CA LYS A 8 0.65 4.11 -1.16
C LYS A 8 0.17 2.66 -1.09
N LEU A 9 -0.67 2.25 -2.05
CA LEU A 9 -1.23 0.91 -2.22
C LEU A 9 -0.27 0.00 -3.02
N VAL A 10 -0.04 -1.22 -2.54
CA VAL A 10 0.77 -2.28 -3.18
C VAL A 10 -0.05 -3.56 -3.26
N CYS A 11 0.06 -4.31 -4.35
CA CYS A 11 -0.62 -5.58 -4.56
C CYS A 11 0.38 -6.69 -4.93
N CYS A 2 -3.99 -6.79 -1.78
CA CYS A 2 -3.31 -5.52 -1.68
C CYS A 2 -3.21 -5.05 -0.22
N HIS A 3 -2.12 -4.36 0.12
CA HIS A 3 -1.88 -3.73 1.41
C HIS A 3 -1.35 -2.30 1.25
N TRP A 4 -1.34 -1.56 2.36
CA TRP A 4 -0.88 -0.18 2.41
C TRP A 4 0.57 -0.08 2.92
N GLU A 5 1.31 0.86 2.33
CA GLU A 5 2.72 1.13 2.58
C GLU A 5 2.87 2.65 2.80
N GLY A 6 2.63 3.10 4.04
CA GLY A 6 2.71 4.50 4.48
C GLY A 6 1.64 5.41 3.87
N ASN A 7 1.73 5.65 2.56
CA ASN A 7 0.89 6.56 1.78
C ASN A 7 0.56 6.01 0.38
N LYS A 8 0.93 4.77 0.08
CA LYS A 8 0.75 4.12 -1.22
C LYS A 8 0.19 2.68 -1.05
N LEU A 9 -0.56 2.19 -2.04
CA LEU A 9 -1.20 0.86 -2.08
C LEU A 9 -0.35 -0.09 -2.93
N VAL A 10 0.11 -1.20 -2.36
CA VAL A 10 0.87 -2.25 -3.07
C VAL A 10 0.03 -3.52 -3.17
N CYS A 11 0.08 -4.19 -4.32
CA CYS A 11 -0.62 -5.43 -4.59
C CYS A 11 0.38 -6.55 -4.95
N CYS A 2 -3.80 -7.07 -1.62
CA CYS A 2 -3.38 -5.68 -1.68
C CYS A 2 -3.35 -5.06 -0.27
N HIS A 3 -2.21 -4.46 0.07
CA HIS A 3 -1.90 -3.82 1.35
C HIS A 3 -1.35 -2.40 1.11
N TRP A 4 -0.93 -1.73 2.18
CA TRP A 4 -0.51 -0.31 2.18
C TRP A 4 0.87 -0.14 2.85
N GLU A 5 1.59 0.89 2.41
CA GLU A 5 2.98 1.19 2.80
C GLU A 5 3.09 2.57 3.50
N GLY A 6 1.95 3.10 3.97
CA GLY A 6 1.82 4.36 4.73
C GLY A 6 1.71 5.62 3.88
N ASN A 7 1.66 5.47 2.56
CA ASN A 7 1.76 6.52 1.55
C ASN A 7 0.97 6.17 0.28
N LYS A 8 1.07 4.91 -0.17
CA LYS A 8 0.39 4.35 -1.36
C LYS A 8 -0.06 2.90 -1.10
N LEU A 9 -0.82 2.35 -2.05
CA LEU A 9 -1.30 0.97 -2.15
C LEU A 9 -0.27 0.08 -2.88
N VAL A 10 -0.10 -1.18 -2.42
CA VAL A 10 0.71 -2.23 -3.07
C VAL A 10 -0.04 -3.57 -3.14
N CYS A 11 -0.20 -4.15 -4.33
CA CYS A 11 -0.68 -5.52 -4.53
C CYS A 11 0.50 -6.47 -4.80
N CYS A 2 -3.88 -6.78 -1.64
CA CYS A 2 -3.29 -5.46 -1.74
C CYS A 2 -3.22 -4.83 -0.35
N HIS A 3 -2.01 -4.41 0.05
CA HIS A 3 -1.67 -3.86 1.36
C HIS A 3 -1.20 -2.40 1.22
N TRP A 4 -1.24 -1.63 2.31
CA TRP A 4 -0.74 -0.25 2.32
C TRP A 4 0.71 -0.18 2.83
N GLU A 5 1.46 0.80 2.32
CA GLU A 5 2.80 1.17 2.80
C GLU A 5 2.84 2.69 3.07
N GLY A 6 2.22 3.15 4.17
CA GLY A 6 2.24 4.54 4.67
C GLY A 6 1.53 5.59 3.81
N ASN A 7 1.83 5.66 2.51
CA ASN A 7 1.31 6.63 1.55
C ASN A 7 0.83 5.99 0.23
N LYS A 8 1.11 4.70 0.00
CA LYS A 8 0.74 3.98 -1.22
C LYS A 8 0.01 2.68 -0.92
N LEU A 9 -0.69 2.16 -1.93
CA LEU A 9 -1.29 0.83 -1.99
C LEU A 9 -0.39 -0.04 -2.88
N VAL A 10 -0.05 -1.24 -2.43
CA VAL A 10 0.75 -2.22 -3.17
C VAL A 10 0.02 -3.56 -3.21
N CYS A 11 -0.14 -4.12 -4.42
CA CYS A 11 -0.72 -5.44 -4.63
C CYS A 11 0.35 -6.51 -4.82
N CYS A 2 -3.79 -7.01 -1.61
CA CYS A 2 -3.30 -5.62 -1.61
C CYS A 2 -3.26 -5.06 -0.18
N HIS A 3 -2.15 -4.37 0.16
CA HIS A 3 -1.89 -3.69 1.43
C HIS A 3 -1.45 -2.23 1.19
N TRP A 4 -1.19 -1.49 2.27
CA TRP A 4 -0.82 -0.08 2.25
C TRP A 4 0.57 0.12 2.86
N GLU A 5 1.46 0.77 2.12
CA GLU A 5 2.83 1.10 2.51
C GLU A 5 2.91 2.61 2.77
N GLY A 6 2.59 2.97 4.02
CA GLY A 6 2.43 4.35 4.48
C GLY A 6 1.33 5.07 3.71
N ASN A 7 1.71 5.76 2.64
CA ASN A 7 0.85 6.61 1.81
C ASN A 7 0.55 5.98 0.43
N LYS A 8 0.97 4.73 0.17
CA LYS A 8 0.94 4.12 -1.17
C LYS A 8 0.45 2.66 -1.14
N LEU A 9 -0.53 2.33 -2.00
CA LEU A 9 -1.13 1.01 -2.15
C LEU A 9 -0.22 0.03 -2.91
N VAL A 10 -0.09 -1.20 -2.40
CA VAL A 10 0.78 -2.26 -2.94
C VAL A 10 0.01 -3.58 -3.05
N CYS A 11 -0.11 -4.11 -4.27
CA CYS A 11 -0.69 -5.42 -4.58
C CYS A 11 0.41 -6.42 -4.97
#